data_4M91
#
_entry.id   4M91
#
_cell.length_a   39.769
_cell.length_b   62.235
_cell.length_c   64.551
_cell.angle_alpha   90.00
_cell.angle_beta   90.00
_cell.angle_gamma   90.00
#
_symmetry.space_group_name_H-M   'P 21 21 21'
#
loop_
_entity.id
_entity.type
_entity.pdbx_description
1 polymer 'Tumor suppressor candidate 3'
2 polymer 'Protein cereblon'
3 water water
#
loop_
_entity_poly.entity_id
_entity_poly.type
_entity_poly.pdbx_seq_one_letter_code
_entity_poly.pdbx_strand_id
1 'polypeptide(L)'
;ASKKENLLAEKVEQLMEWSSRRSIFRMNGDKFRKFIKAPPRNYSMIVMFTALQPQRQCSVSRQANEEYQILANSWRYSSA
FSNKLFFSMVDYDEGTDVFQQLNMNSAPTFMHFPPKGRPKRADTFDLQRIGFAAEQLAKWIADRTDVHIRVFRLEHHHHH
H
;
A
2 'polypeptide(L)' KRKFHCANLTSW B
#
# COMPACT_ATOMS: atom_id res chain seq x y z
N SER A 2 -12.62 22.29 13.84
CA SER A 2 -13.54 22.10 12.68
C SER A 2 -14.19 20.73 12.77
N LYS A 3 -15.44 20.66 12.34
CA LYS A 3 -16.04 19.33 12.15
C LYS A 3 -15.11 18.46 11.33
N LYS A 4 -14.63 18.97 10.21
CA LYS A 4 -13.73 18.18 9.37
C LYS A 4 -12.45 17.77 10.01
N GLU A 5 -11.83 18.68 10.75
CA GLU A 5 -10.63 18.34 11.50
C GLU A 5 -10.90 17.22 12.48
N ASN A 6 -12.05 17.29 13.15
CA ASN A 6 -12.37 16.30 14.15
C ASN A 6 -12.61 14.95 13.53
N LEU A 7 -13.29 14.94 12.39
CA LEU A 7 -13.56 13.69 11.71
C LEU A 7 -12.27 13.11 11.16
N LEU A 8 -11.36 13.94 10.68
CA LEU A 8 -10.04 13.45 10.25
C LEU A 8 -9.31 12.79 11.38
N ALA A 9 -9.31 13.41 12.55
CA ALA A 9 -8.61 12.84 13.68
C ALA A 9 -9.15 11.46 14.04
N GLU A 10 -10.46 11.31 13.98
CA GLU A 10 -11.12 10.04 14.24
C GLU A 10 -10.78 8.99 13.19
N LYS A 11 -10.70 9.39 11.94
CA LYS A 11 -10.33 8.51 10.90
C LYS A 11 -8.92 7.97 11.08
N VAL A 12 -7.99 8.86 11.44
CA VAL A 12 -6.64 8.46 11.72
C VAL A 12 -6.59 7.49 12.92
N GLU A 13 -7.38 7.76 13.95
CA GLU A 13 -7.45 6.82 15.08
C GLU A 13 -7.93 5.44 14.65
N GLN A 14 -8.86 5.38 13.68
CA GLN A 14 -9.31 4.09 13.16
CA GLN A 14 -9.29 4.08 13.17
C GLN A 14 -8.15 3.36 12.47
N LEU A 15 -7.36 4.08 11.69
CA LEU A 15 -6.22 3.49 11.05
C LEU A 15 -5.17 3.04 12.04
N MET A 16 -4.98 3.79 13.13
CA MET A 16 -4.05 3.37 14.17
C MET A 16 -4.55 2.15 14.92
N GLU A 17 -5.85 2.04 15.14
CA GLU A 17 -6.40 0.79 15.71
C GLU A 17 -6.19 -0.39 14.78
N TRP A 18 -6.38 -0.19 13.49
CA TRP A 18 -6.13 -1.24 12.51
C TRP A 18 -4.67 -1.66 12.58
N SER A 19 -3.75 -0.71 12.75
CA SER A 19 -2.33 -0.97 12.83
C SER A 19 -1.98 -1.85 14.04
N SER A 20 -2.75 -1.78 15.10
CA SER A 20 -2.47 -2.65 16.23
C SER A 20 -2.70 -4.11 15.92
N ARG A 21 -3.48 -4.41 14.89
CA ARG A 21 -3.82 -5.77 14.48
C ARG A 21 -3.21 -6.19 13.19
N ARG A 22 -2.73 -5.28 12.36
N ARG A 22 -2.72 -5.27 12.36
CA ARG A 22 -2.23 -5.61 11.04
CA ARG A 22 -2.23 -5.60 11.04
C ARG A 22 -1.10 -4.65 10.68
C ARG A 22 -1.10 -4.65 10.69
N SER A 23 -0.11 -5.14 9.96
CA SER A 23 0.91 -4.29 9.36
CA SER A 23 0.91 -4.29 9.36
C SER A 23 0.49 -3.75 7.99
N ILE A 24 -0.40 -4.46 7.29
CA ILE A 24 -0.90 -4.11 5.97
C ILE A 24 -2.41 -4.25 6.01
N PHE A 25 -3.12 -3.25 5.55
CA PHE A 25 -4.57 -3.22 5.58
C PHE A 25 -5.12 -3.83 4.29
N ARG A 26 -5.86 -4.90 4.40
CA ARG A 26 -6.48 -5.56 3.26
C ARG A 26 -7.78 -4.90 2.96
N MET A 27 -7.92 -4.34 1.78
CA MET A 27 -9.07 -3.52 1.45
C MET A 27 -9.91 -4.02 0.31
N ASN A 28 -11.22 -3.85 0.43
CA ASN A 28 -12.12 -3.95 -0.66
C ASN A 28 -12.41 -2.54 -1.17
N GLY A 29 -13.32 -2.41 -2.10
CA GLY A 29 -13.61 -1.13 -2.68
C GLY A 29 -14.16 -0.12 -1.68
N ASP A 30 -15.03 -0.55 -0.78
CA ASP A 30 -15.55 0.38 0.19
C ASP A 30 -14.48 0.94 1.11
N LYS A 31 -13.57 0.08 1.58
CA LYS A 31 -12.50 0.55 2.44
C LYS A 31 -11.48 1.38 1.69
N PHE A 32 -11.17 1.01 0.46
CA PHE A 32 -10.29 1.80 -0.37
C PHE A 32 -10.86 3.20 -0.55
N ARG A 33 -12.12 3.29 -0.90
CA ARG A 33 -12.71 4.60 -1.10
C ARG A 33 -12.70 5.39 0.21
N LYS A 34 -13.09 4.78 1.33
CA LYS A 34 -13.19 5.53 2.59
C LYS A 34 -11.85 6.04 3.05
N PHE A 35 -10.80 5.21 2.98
CA PHE A 35 -9.53 5.53 3.64
C PHE A 35 -8.47 6.05 2.70
N ILE A 36 -8.66 5.90 1.39
CA ILE A 36 -7.67 6.29 0.40
C ILE A 36 -8.20 7.37 -0.54
N LYS A 37 -9.42 7.26 -1.02
CA LYS A 37 -9.96 8.26 -1.95
C LYS A 37 -10.66 9.42 -1.26
N ALA A 38 -11.34 9.16 -0.16
CA ALA A 38 -12.19 10.19 0.42
C ALA A 38 -11.37 11.19 1.17
N PRO A 39 -11.74 12.47 1.07
CA PRO A 39 -11.15 13.50 1.94
C PRO A 39 -11.94 13.42 3.32
N PRO A 40 -11.36 13.77 4.52
CA PRO A 40 -10.08 14.44 4.68
C PRO A 40 -8.97 13.39 4.82
N ARG A 41 -7.69 13.71 4.42
CA ARG A 41 -6.53 12.90 4.77
C ARG A 41 -5.34 13.79 5.05
N ASN A 42 -4.52 13.39 5.97
CA ASN A 42 -3.25 14.05 6.28
C ASN A 42 -2.12 13.03 6.32
N TYR A 43 -2.33 11.87 5.72
CA TYR A 43 -1.42 10.76 5.67
C TYR A 43 -1.27 10.31 4.23
N SER A 44 -0.14 9.70 3.96
CA SER A 44 0.13 8.97 2.72
C SER A 44 -0.31 7.52 2.85
N MET A 45 -0.76 6.97 1.74
N MET A 45 -0.76 6.95 1.74
CA MET A 45 -1.06 5.55 1.66
CA MET A 45 -1.09 5.54 1.64
C MET A 45 -0.24 4.90 0.57
C MET A 45 -0.24 4.90 0.58
N ILE A 46 0.43 3.82 0.93
CA ILE A 46 1.06 2.94 -0.04
C ILE A 46 0.11 1.79 -0.26
N VAL A 47 -0.14 1.42 -1.52
CA VAL A 47 -1.02 0.35 -1.88
C VAL A 47 -0.31 -0.63 -2.79
N MET A 48 -0.38 -1.90 -2.45
CA MET A 48 0.02 -2.99 -3.37
C MET A 48 -1.26 -3.58 -3.95
N PHE A 49 -1.41 -3.44 -5.25
CA PHE A 49 -2.48 -4.10 -6.03
C PHE A 49 -1.95 -5.45 -6.42
N THR A 50 -2.68 -6.51 -6.07
CA THR A 50 -2.15 -7.86 -6.16
C THR A 50 -3.20 -8.85 -6.61
N ALA A 51 -2.79 -10.08 -6.87
CA ALA A 51 -3.73 -11.17 -7.14
C ALA A 51 -3.11 -12.44 -6.59
N LEU A 52 -3.40 -12.75 -5.33
CA LEU A 52 -2.73 -13.82 -4.60
C LEU A 52 -3.53 -15.11 -4.49
N GLN A 53 -4.73 -15.17 -5.09
N GLN A 53 -4.75 -15.17 -5.04
CA GLN A 53 -5.49 -16.41 -4.99
CA GLN A 53 -5.52 -16.42 -4.87
C GLN A 53 -4.70 -17.56 -5.63
C GLN A 53 -4.78 -17.53 -5.59
N PRO A 54 -4.67 -18.74 -4.99
CA PRO A 54 -3.79 -19.80 -5.49
C PRO A 54 -4.13 -20.19 -6.92
N GLN A 55 -5.42 -20.22 -7.25
CA GLN A 55 -5.84 -20.73 -8.55
C GLN A 55 -5.31 -19.90 -9.68
N ARG A 56 -5.00 -18.61 -9.46
CA ARG A 56 -4.44 -17.77 -10.51
C ARG A 56 -2.96 -17.99 -10.72
N GLN A 57 -2.27 -18.51 -9.71
CA GLN A 57 -0.83 -18.79 -9.83
C GLN A 57 -0.07 -17.59 -10.33
N CYS A 58 -0.33 -16.41 -9.78
CA CYS A 58 0.38 -15.20 -10.19
C CYS A 58 1.71 -15.14 -9.46
N SER A 59 2.75 -15.63 -10.09
CA SER A 59 4.04 -15.78 -9.43
CA SER A 59 4.05 -15.78 -9.45
C SER A 59 4.67 -14.44 -9.04
N VAL A 60 4.52 -13.45 -9.88
CA VAL A 60 5.11 -12.17 -9.58
C VAL A 60 4.40 -11.55 -8.39
N SER A 61 3.09 -11.62 -8.34
CA SER A 61 2.35 -11.12 -7.17
C SER A 61 2.83 -11.83 -5.92
N ARG A 62 3.06 -13.13 -5.98
CA ARG A 62 3.50 -13.86 -4.80
C ARG A 62 4.83 -13.33 -4.28
N GLN A 63 5.81 -13.17 -5.14
CA GLN A 63 7.14 -12.71 -4.72
CA GLN A 63 7.13 -12.72 -4.71
C GLN A 63 7.07 -11.28 -4.25
N ALA A 64 6.29 -10.44 -4.94
CA ALA A 64 6.19 -9.04 -4.54
C ALA A 64 5.53 -8.90 -3.20
N ASN A 65 4.52 -9.72 -2.88
CA ASN A 65 3.93 -9.69 -1.55
C ASN A 65 4.96 -10.07 -0.50
N GLU A 66 5.83 -11.04 -0.75
CA GLU A 66 6.85 -11.38 0.23
C GLU A 66 7.69 -10.14 0.58
N GLU A 67 8.10 -9.40 -0.45
CA GLU A 67 8.93 -8.20 -0.21
C GLU A 67 8.12 -7.11 0.47
N TYR A 68 6.86 -6.94 0.10
CA TYR A 68 5.99 -5.96 0.73
C TYR A 68 5.81 -6.26 2.22
N GLN A 69 5.70 -7.51 2.58
CA GLN A 69 5.61 -7.91 3.97
C GLN A 69 6.85 -7.52 4.74
N ILE A 70 8.02 -7.75 4.15
CA ILE A 70 9.28 -7.34 4.79
C ILE A 70 9.29 -5.84 5.00
N LEU A 71 8.90 -5.09 4.00
CA LEU A 71 8.85 -3.64 4.08
C LEU A 71 7.92 -3.17 5.18
N ALA A 72 6.70 -3.67 5.21
CA ALA A 72 5.72 -3.22 6.19
C ALA A 72 6.10 -3.65 7.60
N ASN A 73 6.77 -4.77 7.75
CA ASN A 73 7.29 -5.18 9.05
C ASN A 73 8.39 -4.23 9.49
N SER A 74 9.26 -3.87 8.58
CA SER A 74 10.33 -2.93 8.88
C SER A 74 9.77 -1.60 9.34
N TRP A 75 8.71 -1.13 8.72
CA TRP A 75 8.03 0.08 9.17
C TRP A 75 7.49 -0.06 10.59
N ARG A 76 6.80 -1.17 10.89
CA ARG A 76 6.19 -1.38 12.17
C ARG A 76 7.23 -1.23 13.28
N TYR A 77 8.41 -1.81 13.15
CA TYR A 77 9.48 -1.80 14.11
C TYR A 77 10.39 -0.56 14.06
N SER A 78 10.20 0.32 13.09
CA SER A 78 11.13 1.42 12.97
CA SER A 78 11.08 1.48 12.90
C SER A 78 10.87 2.53 13.98
N SER A 79 11.91 3.24 14.33
CA SER A 79 11.82 4.48 15.09
CA SER A 79 11.77 4.46 15.11
C SER A 79 11.08 5.57 14.31
N ALA A 80 11.02 5.45 12.97
CA ALA A 80 10.27 6.37 12.08
C ALA A 80 8.74 6.18 12.10
N PHE A 81 8.27 5.07 12.67
CA PHE A 81 6.85 4.72 12.64
C PHE A 81 5.99 5.89 13.09
N SER A 82 4.90 6.14 12.39
CA SER A 82 4.03 7.27 12.64
C SER A 82 2.64 7.00 12.10
N ASN A 83 1.75 7.94 12.34
CA ASN A 83 0.41 7.93 11.77
C ASN A 83 0.30 8.74 10.47
N LYS A 84 1.43 8.99 9.82
CA LYS A 84 1.46 9.77 8.59
C LYS A 84 1.64 8.93 7.32
N LEU A 85 1.78 7.61 7.48
CA LEU A 85 1.99 6.70 6.38
CA LEU A 85 1.94 6.72 6.36
C LEU A 85 1.39 5.38 6.79
N PHE A 86 0.65 4.74 5.89
CA PHE A 86 0.08 3.40 6.10
C PHE A 86 0.28 2.57 4.84
N PHE A 87 0.23 1.25 5.05
CA PHE A 87 0.35 0.25 3.99
C PHE A 87 -0.95 -0.51 3.83
N SER A 88 -1.38 -0.65 2.59
CA SER A 88 -2.57 -1.44 2.27
CA SER A 88 -2.59 -1.37 2.22
C SER A 88 -2.33 -2.32 1.07
N MET A 89 -3.26 -3.25 0.87
CA MET A 89 -3.26 -4.08 -0.30
C MET A 89 -4.69 -4.18 -0.81
N VAL A 90 -4.82 -4.31 -2.12
CA VAL A 90 -6.10 -4.59 -2.79
C VAL A 90 -5.87 -5.77 -3.70
N ASP A 91 -6.53 -6.88 -3.38
CA ASP A 91 -6.48 -8.07 -4.22
C ASP A 91 -7.52 -7.98 -5.31
N TYR A 92 -7.17 -8.34 -6.53
CA TYR A 92 -8.09 -8.25 -7.65
C TYR A 92 -9.42 -8.93 -7.39
N ASP A 93 -9.40 -10.07 -6.72
CA ASP A 93 -10.62 -10.83 -6.48
C ASP A 93 -11.49 -10.26 -5.37
N GLU A 94 -11.02 -9.29 -4.61
CA GLU A 94 -11.74 -8.59 -3.57
C GLU A 94 -12.04 -7.16 -3.89
N GLY A 95 -11.29 -6.57 -4.78
CA GLY A 95 -11.43 -5.18 -5.14
C GLY A 95 -11.45 -4.99 -6.64
N THR A 96 -12.21 -5.82 -7.33
CA THR A 96 -12.25 -5.75 -8.76
C THR A 96 -12.68 -4.37 -9.26
N ASP A 97 -13.63 -3.75 -8.54
CA ASP A 97 -14.10 -2.44 -8.89
C ASP A 97 -12.98 -1.39 -8.79
N VAL A 98 -12.06 -1.53 -7.85
CA VAL A 98 -10.94 -0.60 -7.74
C VAL A 98 -10.02 -0.75 -8.94
N PHE A 99 -9.70 -2.01 -9.29
CA PHE A 99 -8.86 -2.25 -10.47
C PHE A 99 -9.53 -1.63 -11.72
N GLN A 100 -10.84 -1.81 -11.86
CA GLN A 100 -11.55 -1.24 -13.01
C GLN A 100 -11.44 0.28 -13.00
N GLN A 101 -11.66 0.92 -11.85
CA GLN A 101 -11.60 2.37 -11.75
C GLN A 101 -10.21 2.89 -12.16
N LEU A 102 -9.16 2.14 -11.81
CA LEU A 102 -7.76 2.48 -12.12
C LEU A 102 -7.25 1.92 -13.45
N ASN A 103 -8.15 1.31 -14.22
CA ASN A 103 -7.78 0.79 -15.53
CA ASN A 103 -7.75 0.78 -15.54
C ASN A 103 -6.65 -0.26 -15.47
N MET A 104 -6.68 -1.10 -14.45
CA MET A 104 -5.69 -2.13 -14.24
C MET A 104 -6.22 -3.49 -14.60
N ASN A 105 -5.51 -4.19 -15.50
CA ASN A 105 -5.88 -5.55 -15.92
C ASN A 105 -4.78 -6.56 -15.64
N SER A 106 -3.86 -6.25 -14.74
CA SER A 106 -2.85 -7.16 -14.32
C SER A 106 -2.42 -6.74 -12.90
N ALA A 107 -1.44 -7.45 -12.38
CA ALA A 107 -0.88 -7.23 -11.06
C ALA A 107 0.53 -7.78 -11.07
N PRO A 108 1.39 -7.36 -10.16
CA PRO A 108 1.14 -6.39 -9.11
C PRO A 108 1.52 -4.99 -9.55
N THR A 109 1.03 -4.00 -8.81
CA THR A 109 1.39 -2.60 -8.96
C THR A 109 1.52 -2.02 -7.55
N PHE A 110 2.52 -1.15 -7.36
CA PHE A 110 2.67 -0.38 -6.11
C PHE A 110 2.44 1.08 -6.41
N MET A 111 1.56 1.71 -5.64
CA MET A 111 1.24 3.13 -5.78
C MET A 111 1.28 3.84 -4.47
N HIS A 112 1.62 5.12 -4.54
CA HIS A 112 1.50 6.06 -3.45
C HIS A 112 0.34 7.00 -3.72
N PHE A 113 -0.58 7.08 -2.78
CA PHE A 113 -1.69 8.04 -2.80
C PHE A 113 -1.40 9.14 -1.79
N PRO A 114 -1.04 10.34 -2.25
CA PRO A 114 -0.71 11.41 -1.33
C PRO A 114 -1.96 11.88 -0.62
N PRO A 115 -1.79 12.60 0.51
CA PRO A 115 -2.92 13.12 1.26
C PRO A 115 -3.68 14.14 0.58
N LYS A 116 -3.00 14.89 -0.29
CA LYS A 116 -3.67 15.97 -0.98
C LYS A 116 -3.42 15.70 -2.43
N GLY A 117 -4.49 15.82 -3.19
CA GLY A 117 -4.38 15.66 -4.60
C GLY A 117 -4.33 14.20 -5.01
N ARG A 118 -3.95 13.99 -6.26
CA ARG A 118 -3.97 12.65 -6.84
C ARG A 118 -2.55 12.17 -7.08
N PRO A 119 -2.38 10.86 -7.29
CA PRO A 119 -1.03 10.34 -7.56
C PRO A 119 -0.44 11.05 -8.80
N LYS A 120 0.85 11.34 -8.73
CA LYS A 120 1.65 11.89 -9.82
C LYS A 120 2.32 10.71 -10.57
N ARG A 121 2.99 11.02 -11.66
CA ARG A 121 3.59 9.95 -12.46
C ARG A 121 4.50 9.05 -11.63
N ALA A 122 5.33 9.65 -10.81
CA ALA A 122 6.32 8.91 -10.03
C ALA A 122 5.68 8.19 -8.86
N ASP A 123 4.41 8.42 -8.60
CA ASP A 123 3.67 7.69 -7.58
C ASP A 123 3.23 6.28 -7.98
N THR A 124 3.59 5.85 -9.19
CA THR A 124 3.56 4.43 -9.53
C THR A 124 5.00 3.95 -9.56
N PHE A 125 5.31 2.95 -8.73
CA PHE A 125 6.66 2.39 -8.67
C PHE A 125 7.00 1.73 -9.97
N ASP A 126 8.22 1.91 -10.45
CA ASP A 126 8.63 1.37 -11.75
C ASP A 126 9.16 -0.07 -11.65
N LEU A 127 8.23 -0.97 -11.34
CA LEU A 127 8.50 -2.36 -11.09
C LEU A 127 9.25 -3.04 -12.23
N GLN A 128 8.85 -2.72 -13.45
CA GLN A 128 9.44 -3.40 -14.60
C GLN A 128 10.85 -2.99 -14.89
N ARG A 129 11.33 -1.90 -14.31
CA ARG A 129 12.70 -1.46 -14.43
C ARG A 129 13.56 -1.93 -13.25
N ILE A 130 12.98 -1.90 -12.06
CA ILE A 130 13.73 -1.98 -10.81
C ILE A 130 13.65 -3.33 -10.12
N GLY A 131 12.57 -4.08 -10.37
CA GLY A 131 12.26 -5.19 -9.50
C GLY A 131 11.61 -4.66 -8.23
N PHE A 132 11.35 -5.54 -7.32
CA PHE A 132 10.52 -5.21 -6.15
C PHE A 132 11.18 -5.60 -4.82
N ALA A 133 12.52 -5.62 -4.76
CA ALA A 133 13.18 -5.79 -3.49
C ALA A 133 12.61 -4.76 -2.49
N ALA A 134 12.44 -5.17 -1.24
CA ALA A 134 11.94 -4.26 -0.23
C ALA A 134 12.76 -2.99 -0.13
N GLU A 135 14.08 -3.11 -0.25
CA GLU A 135 14.97 -1.94 -0.17
C GLU A 135 14.67 -0.97 -1.30
N GLN A 136 14.36 -1.44 -2.49
CA GLN A 136 13.99 -0.59 -3.59
C GLN A 136 12.63 0.06 -3.41
N LEU A 137 11.67 -0.67 -2.88
CA LEU A 137 10.40 -0.08 -2.53
C LEU A 137 10.60 1.04 -1.50
N ALA A 138 11.49 0.79 -0.51
CA ALA A 138 11.75 1.79 0.51
C ALA A 138 12.36 3.05 -0.08
N LYS A 139 13.28 2.90 -1.02
CA LYS A 139 13.90 4.08 -1.64
C LYS A 139 12.84 4.91 -2.37
N TRP A 140 11.95 4.24 -3.09
CA TRP A 140 10.85 4.92 -3.76
C TRP A 140 9.95 5.64 -2.75
N ILE A 141 9.58 4.98 -1.68
CA ILE A 141 8.74 5.60 -0.68
C ILE A 141 9.41 6.85 -0.12
N ALA A 142 10.73 6.79 0.15
CA ALA A 142 11.42 7.98 0.65
C ALA A 142 11.35 9.11 -0.37
N ASP A 143 11.51 8.80 -1.65
N ASP A 143 11.52 8.81 -1.65
CA ASP A 143 11.45 9.79 -2.72
CA ASP A 143 11.41 9.85 -2.67
C ASP A 143 10.07 10.43 -2.83
C ASP A 143 10.05 10.49 -2.66
N ARG A 144 9.01 9.68 -2.53
CA ARG A 144 7.65 10.19 -2.68
C ARG A 144 7.07 10.80 -1.43
N THR A 145 7.54 10.41 -0.27
CA THR A 145 6.88 10.77 0.98
C THR A 145 7.81 11.41 2.00
N ASP A 146 9.12 11.34 1.81
CA ASP A 146 10.08 11.79 2.79
C ASP A 146 10.01 10.98 4.10
N VAL A 147 9.55 9.75 4.01
CA VAL A 147 9.61 8.77 5.10
C VAL A 147 10.63 7.74 4.72
N HIS A 148 11.56 7.46 5.61
CA HIS A 148 12.68 6.58 5.37
C HIS A 148 12.58 5.31 6.16
N ILE A 149 12.27 4.22 5.46
CA ILE A 149 12.11 2.91 6.09
C ILE A 149 13.38 2.13 5.81
N ARG A 150 14.13 1.82 6.85
CA ARG A 150 15.36 1.08 6.72
C ARG A 150 15.05 -0.39 6.93
N VAL A 151 15.11 -1.16 5.87
CA VAL A 151 14.63 -2.53 5.86
C VAL A 151 15.48 -3.42 6.70
N PHE A 152 14.80 -4.19 7.56
N PHE A 152 14.81 -4.33 7.43
CA PHE A 152 15.38 -5.20 8.41
CA PHE A 152 15.41 -5.21 8.44
C PHE A 152 15.09 -6.59 7.83
C PHE A 152 15.10 -6.60 7.93
N ARG A 153 16.11 -7.43 7.81
CA ARG A 153 15.90 -8.84 7.47
C ARG A 153 16.38 -9.78 8.56
N LEU A 154 15.52 -10.74 8.97
CA LEU A 154 15.93 -11.73 10.00
C LEU A 154 17.01 -12.68 9.47
N LYS B 3 -11.10 -8.80 -18.81
CA LYS B 3 -9.82 -9.56 -18.88
C LYS B 3 -8.83 -9.17 -17.79
N PHE B 4 -8.23 -10.17 -17.19
CA PHE B 4 -7.15 -10.02 -16.22
C PHE B 4 -6.10 -11.01 -16.64
N HIS B 5 -4.84 -10.64 -16.55
CA HIS B 5 -3.77 -11.57 -16.82
C HIS B 5 -2.63 -11.39 -15.88
N CYS B 6 -1.96 -12.50 -15.55
CA CYS B 6 -0.70 -12.47 -14.83
C CYS B 6 0.21 -13.62 -15.28
N ALA B 7 1.52 -13.40 -15.15
CA ALA B 7 2.54 -14.37 -15.54
C ALA B 7 2.52 -15.54 -14.60
N ASN B 8 2.53 -16.70 -15.22
CA ASN B 8 2.13 -17.88 -14.54
C ASN B 8 0.98 -17.63 -13.57
#